data_5ZWX
#
_entry.id   5ZWX
#
_cell.length_a   47.653
_cell.length_b   54.981
_cell.length_c   83.576
_cell.angle_alpha   90.00
_cell.angle_beta   99.72
_cell.angle_gamma   90.00
#
_symmetry.space_group_name_H-M   'P 1 21 1'
#
loop_
_entity.id
_entity.type
_entity.pdbx_description
1 polymer 'DUF724 domain-containing protein 6-like'
2 polymer 'H3(1-15)K9me2 peptide'
3 water water
#
loop_
_entity_poly.entity_id
_entity_poly.type
_entity_poly.pdbx_seq_one_letter_code
_entity_poly.pdbx_strand_id
1 'polypeptide(L)'
;SNSFAPRIRLPPFLKPGAAVEISSNESGFRGSWY(MSE)GKVVAVPSSDSTTTKCEVEYTTLFFDKEGRKRLREVVDVGQ
LRPPAPAVSEREKRREVAVGDDVDAFYSDGWWEGTVTEV(MSE)GDGR(MSE)SVYFRASKEQIRFRRDELRFHREWVNG
AWRPPIEETEVDE
;
A,B
2 'polypeptide(L)' ARTKQTAR(MLY)STGGKA P,Q
#
# COMPACT_ATOMS: atom_id res chain seq x y z
N ARG A 7 -41.49 -8.24 -6.02
CA ARG A 7 -41.10 -9.59 -6.40
C ARG A 7 -39.98 -10.18 -5.53
N ILE A 8 -38.89 -9.45 -5.29
CA ILE A 8 -37.88 -10.02 -4.40
C ILE A 8 -37.96 -9.46 -2.99
N ARG A 9 -37.72 -10.34 -2.02
CA ARG A 9 -37.73 -9.99 -0.60
C ARG A 9 -36.31 -9.63 -0.20
N LEU A 10 -36.04 -8.33 -0.12
CA LEU A 10 -34.69 -7.88 0.23
C LEU A 10 -34.38 -8.15 1.67
N PRO A 11 -33.08 -8.39 1.96
CA PRO A 11 -32.64 -8.37 3.36
C PRO A 11 -33.02 -7.03 3.98
N PRO A 12 -33.48 -7.03 5.24
CA PRO A 12 -33.85 -5.80 5.95
C PRO A 12 -32.79 -4.68 6.00
N PHE A 13 -31.51 -5.02 6.04
CA PHE A 13 -30.50 -3.97 6.15
C PHE A 13 -30.38 -3.17 4.84
N LEU A 14 -30.89 -3.73 3.75
CA LEU A 14 -30.68 -3.12 2.45
C LEU A 14 -31.74 -2.06 2.16
N LYS A 15 -31.38 -0.80 2.37
CA LYS A 15 -32.28 0.30 2.00
C LYS A 15 -31.45 1.47 1.51
N PRO A 16 -32.05 2.37 0.70
CA PRO A 16 -31.30 3.55 0.29
C PRO A 16 -30.68 4.24 1.49
N GLY A 17 -29.41 4.62 1.38
CA GLY A 17 -28.74 5.33 2.45
C GLY A 17 -27.93 4.41 3.34
N ALA A 18 -28.26 3.12 3.35
CA ALA A 18 -27.58 2.15 4.20
C ALA A 18 -26.10 2.02 3.86
N ALA A 19 -25.27 2.00 4.90
CA ALA A 19 -23.86 1.69 4.74
C ALA A 19 -23.74 0.20 4.49
N VAL A 20 -22.82 -0.21 3.63
CA VAL A 20 -22.65 -1.62 3.29
C VAL A 20 -21.17 -1.90 2.99
N GLU A 21 -20.83 -3.18 2.96
CA GLU A 21 -19.57 -3.64 2.38
C GLU A 21 -19.91 -4.32 1.06
N ILE A 22 -19.03 -4.12 0.09
CA ILE A 22 -19.30 -4.50 -1.30
C ILE A 22 -18.26 -5.48 -1.75
N SER A 23 -18.69 -6.64 -2.24
CA SER A 23 -17.73 -7.58 -2.83
C SER A 23 -17.90 -7.57 -4.35
N SER A 24 -16.87 -7.95 -5.06
CA SER A 24 -16.91 -7.94 -6.53
C SER A 24 -16.77 -9.34 -7.07
N ASN A 25 -17.24 -9.51 -8.29
CA ASN A 25 -17.18 -10.78 -8.98
C ASN A 25 -15.90 -10.87 -9.82
N GLU A 26 -15.28 -9.71 -10.05
CA GLU A 26 -14.09 -9.63 -10.90
C GLU A 26 -12.89 -10.30 -10.23
N SER A 27 -12.09 -11.00 -11.01
CA SER A 27 -10.98 -11.78 -10.46
C SER A 27 -10.00 -10.90 -9.67
N GLY A 28 -9.79 -9.68 -10.16
CA GLY A 28 -8.84 -8.77 -9.52
C GLY A 28 -9.34 -8.31 -8.15
N PHE A 29 -10.58 -8.65 -7.79
CA PHE A 29 -11.09 -8.22 -6.48
C PHE A 29 -11.47 -9.36 -5.55
N ARG A 30 -11.02 -10.56 -5.91
CA ARG A 30 -11.26 -11.78 -5.14
C ARG A 30 -10.81 -11.58 -3.69
N GLY A 31 -11.71 -11.82 -2.75
CA GLY A 31 -11.35 -11.69 -1.35
C GLY A 31 -11.47 -10.29 -0.78
N SER A 32 -11.96 -9.32 -1.55
CA SER A 32 -12.08 -7.96 -1.00
C SER A 32 -13.47 -7.56 -0.58
N TRP A 33 -13.52 -6.61 0.35
CA TRP A 33 -14.73 -5.91 0.75
C TRP A 33 -14.40 -4.42 0.73
N TYR A 34 -15.08 -3.64 -0.11
CA TYR A 34 -14.95 -2.19 -0.17
C TYR A 34 -16.13 -1.48 0.48
N GLY A 36 -19.11 1.15 1.24
CA GLY A 36 -19.90 2.06 0.42
C GLY A 36 -21.28 2.30 1.02
N LYS A 37 -22.17 2.87 0.22
CA LYS A 37 -23.54 3.08 0.68
C LYS A 37 -24.55 2.74 -0.42
N VAL A 38 -25.75 2.36 -0.03
CA VAL A 38 -26.77 2.05 -1.00
C VAL A 38 -27.36 3.34 -1.58
N VAL A 39 -27.42 3.43 -2.89
CA VAL A 39 -28.10 4.55 -3.56
C VAL A 39 -29.52 4.20 -3.98
N ALA A 40 -29.73 2.98 -4.45
CA ALA A 40 -31.07 2.57 -4.86
C ALA A 40 -31.26 1.07 -4.72
N VAL A 41 -32.51 0.66 -4.43
CA VAL A 41 -32.81 -0.77 -4.32
C VAL A 41 -34.03 -1.11 -5.16
N PRO A 42 -34.23 -2.40 -5.47
CA PRO A 42 -35.49 -2.74 -6.15
C PRO A 42 -36.66 -2.43 -5.24
N SER A 43 -37.62 -1.71 -5.76
CA SER A 43 -38.84 -1.44 -5.02
C SER A 43 -39.81 -2.61 -5.25
N SER A 44 -40.94 -2.64 -4.53
CA SER A 44 -41.90 -3.72 -4.76
C SER A 44 -42.46 -3.47 -6.16
N ASP A 45 -42.24 -2.23 -6.60
CA ASP A 45 -42.60 -1.68 -7.89
C ASP A 45 -41.39 -1.65 -8.82
N SER A 46 -40.85 -2.79 -9.23
CA SER A 46 -39.52 -2.75 -9.85
C SER A 46 -39.27 -3.59 -11.11
N THR A 47 -38.43 -3.03 -11.99
CA THR A 47 -38.00 -3.70 -13.22
C THR A 47 -36.62 -4.35 -13.06
N THR A 48 -35.97 -4.12 -11.92
CA THR A 48 -34.67 -4.75 -11.70
C THR A 48 -34.69 -5.61 -10.44
N THR A 49 -33.67 -6.44 -10.30
CA THR A 49 -33.44 -7.18 -9.08
C THR A 49 -32.15 -6.65 -8.45
N LYS A 50 -31.54 -5.68 -9.10
CA LYS A 50 -30.24 -5.19 -8.67
C LYS A 50 -30.30 -3.91 -7.82
N CYS A 51 -29.19 -3.63 -7.14
CA CYS A 51 -29.05 -2.44 -6.30
C CYS A 51 -28.02 -1.54 -6.92
N GLU A 52 -28.10 -0.23 -6.72
CA GLU A 52 -26.99 0.62 -7.07
C GLU A 52 -26.30 1.05 -5.79
N VAL A 53 -24.96 1.03 -5.79
CA VAL A 53 -24.17 1.44 -4.63
C VAL A 53 -23.15 2.49 -5.04
N GLU A 54 -22.74 3.29 -4.06
CA GLU A 54 -21.66 4.26 -4.22
C GLU A 54 -20.51 3.89 -3.32
N TYR A 55 -19.30 3.78 -3.88
CA TYR A 55 -18.14 3.45 -3.06
C TYR A 55 -17.67 4.65 -2.26
N THR A 56 -17.16 4.38 -1.07
CA THR A 56 -16.63 5.43 -0.20
C THR A 56 -15.21 5.80 -0.60
N THR A 57 -14.42 4.82 -1.05
CA THR A 57 -12.98 5.07 -1.29
C THR A 57 -12.49 4.81 -2.72
N LEU A 58 -13.41 4.39 -3.60
CA LEU A 58 -13.07 4.23 -5.02
C LEU A 58 -13.79 5.29 -5.82
N PHE A 59 -13.12 5.82 -6.83
CA PHE A 59 -13.59 6.94 -7.64
C PHE A 59 -13.60 6.55 -9.11
N PHE A 60 -14.43 7.23 -9.90
CA PHE A 60 -14.49 7.01 -11.34
C PHE A 60 -13.17 7.41 -11.98
N ASP A 61 -12.63 8.51 -11.47
CA ASP A 61 -11.46 9.19 -12.02
C ASP A 61 -10.34 9.31 -10.99
N LYS A 62 -9.08 9.27 -11.44
CA LYS A 62 -7.99 9.31 -10.47
C LYS A 62 -7.83 10.70 -9.84
N GLU A 63 -8.45 11.72 -10.43
CA GLU A 63 -8.37 13.04 -9.79
C GLU A 63 -9.46 13.19 -8.72
N GLY A 64 -10.35 12.22 -8.61
CA GLY A 64 -11.21 12.09 -7.45
C GLY A 64 -12.43 12.99 -7.39
N ARG A 65 -12.94 13.38 -8.54
CA ARG A 65 -14.12 14.25 -8.59
C ARG A 65 -15.43 13.51 -8.24
N LYS A 66 -15.56 12.26 -8.68
CA LYS A 66 -16.81 11.51 -8.51
C LYS A 66 -16.59 10.11 -7.92
N ARG A 67 -17.22 9.83 -6.78
CA ARG A 67 -17.13 8.50 -6.21
C ARG A 67 -17.74 7.49 -7.17
N LEU A 68 -17.13 6.32 -7.25
CA LEU A 68 -17.59 5.30 -8.19
C LEU A 68 -18.98 4.81 -7.80
N ARG A 69 -19.86 4.67 -8.78
CA ARG A 69 -21.16 4.04 -8.54
C ARG A 69 -21.27 2.82 -9.44
N GLU A 70 -21.90 1.77 -8.92
CA GLU A 70 -22.07 0.52 -9.67
C GLU A 70 -23.42 -0.09 -9.38
N VAL A 71 -24.02 -0.73 -10.39
CA VAL A 71 -25.21 -1.57 -10.19
C VAL A 71 -24.69 -2.98 -9.87
N VAL A 72 -25.10 -3.54 -8.73
CA VAL A 72 -24.59 -4.83 -8.28
C VAL A 72 -25.73 -5.76 -7.88
N ASP A 73 -25.42 -7.06 -7.76
CA ASP A 73 -26.36 -8.05 -7.25
C ASP A 73 -26.52 -7.88 -5.74
N VAL A 74 -27.73 -8.15 -5.24
CA VAL A 74 -27.93 -8.17 -3.81
C VAL A 74 -26.87 -9.04 -3.08
N GLY A 75 -26.55 -10.20 -3.65
CA GLY A 75 -25.62 -11.12 -3.02
C GLY A 75 -24.17 -10.60 -2.94
N GLN A 76 -23.90 -9.44 -3.54
CA GLN A 76 -22.57 -8.81 -3.44
C GLN A 76 -22.45 -7.93 -2.18
N LEU A 77 -23.56 -7.73 -1.46
CA LEU A 77 -23.58 -6.76 -0.38
C LEU A 77 -23.74 -7.42 0.98
N ARG A 78 -23.12 -6.82 2.00
CA ARG A 78 -23.40 -7.22 3.38
C ARG A 78 -23.35 -5.99 4.26
N PRO A 79 -23.85 -6.08 5.52
CA PRO A 79 -23.79 -4.87 6.31
C PRO A 79 -22.34 -4.59 6.72
N PRO A 80 -22.03 -3.39 7.20
CA PRO A 80 -20.73 -3.12 7.83
C PRO A 80 -20.39 -4.18 8.87
N ALA A 81 -19.14 -4.63 8.87
CA ALA A 81 -18.69 -5.60 9.84
C ALA A 81 -18.98 -5.09 11.25
N PRO A 82 -19.26 -6.01 12.18
CA PRO A 82 -19.59 -5.62 13.56
C PRO A 82 -18.49 -4.78 14.19
N ALA A 83 -18.88 -3.80 15.02
CA ALA A 83 -17.93 -2.96 15.74
C ALA A 83 -17.03 -3.80 16.62
N VAL A 84 -15.75 -3.44 16.70
CA VAL A 84 -14.80 -4.26 17.43
C VAL A 84 -15.10 -4.21 18.91
N SER A 85 -15.44 -5.38 19.44
CA SER A 85 -15.87 -5.49 20.82
C SER A 85 -14.74 -5.23 21.80
N GLU A 86 -14.98 -5.60 23.05
CA GLU A 86 -14.05 -5.27 24.11
C GLU A 86 -13.08 -6.47 24.30
N ARG A 87 -13.61 -7.68 24.11
CA ARG A 87 -12.73 -8.84 24.13
C ARG A 87 -11.88 -8.79 22.86
N GLU A 88 -12.49 -8.41 21.74
CA GLU A 88 -11.76 -8.34 20.46
C GLU A 88 -10.65 -7.30 20.48
N LYS A 89 -10.81 -6.22 21.25
CA LYS A 89 -9.63 -5.38 21.45
C LYS A 89 -8.66 -6.08 22.38
N ARG A 90 -9.14 -6.93 23.30
CA ARG A 90 -8.16 -7.68 24.13
C ARG A 90 -7.55 -8.91 23.43
N ARG A 91 -8.14 -9.36 22.33
CA ARG A 91 -7.62 -10.51 21.59
C ARG A 91 -6.28 -10.23 20.92
N GLU A 92 -5.29 -11.08 21.19
CA GLU A 92 -4.06 -11.03 20.43
C GLU A 92 -4.27 -11.71 19.08
N VAL A 93 -3.78 -11.10 18.03
CA VAL A 93 -3.80 -11.79 16.75
C VAL A 93 -2.77 -12.92 16.80
N ALA A 94 -3.14 -14.08 16.28
CA ALA A 94 -2.26 -15.26 16.32
C ALA A 94 -2.07 -15.89 14.93
N VAL A 95 -0.99 -16.66 14.74
CA VAL A 95 -0.84 -17.39 13.46
C VAL A 95 -2.06 -18.29 13.24
N GLY A 96 -2.48 -18.45 11.99
CA GLY A 96 -3.68 -19.22 11.73
C GLY A 96 -4.95 -18.39 11.73
N ASP A 97 -4.91 -17.18 12.26
CA ASP A 97 -6.14 -16.38 12.34
C ASP A 97 -6.57 -15.92 10.94
N ASP A 98 -7.87 -15.95 10.67
CA ASP A 98 -8.40 -15.37 9.45
C ASP A 98 -8.66 -13.90 9.68
N VAL A 99 -8.03 -13.05 8.87
CA VAL A 99 -8.10 -11.60 9.06
C VAL A 99 -8.45 -10.93 7.75
N ASP A 100 -8.90 -9.69 7.80
CA ASP A 100 -8.86 -8.83 6.62
C ASP A 100 -7.81 -7.76 6.89
N ALA A 101 -7.03 -7.44 5.84
CA ALA A 101 -6.02 -6.39 5.91
C ALA A 101 -6.46 -5.17 5.09
N PHE A 102 -6.30 -3.99 5.65
CA PHE A 102 -6.63 -2.78 4.90
C PHE A 102 -5.54 -2.43 3.90
N TYR A 103 -5.90 -2.46 2.61
CA TYR A 103 -4.84 -2.37 1.56
C TYR A 103 -5.51 -1.79 0.34
N SER A 104 -4.87 -0.84 -0.36
CA SER A 104 -5.54 -0.15 -1.48
C SER A 104 -6.98 0.31 -1.14
N ASP A 105 -7.15 0.76 0.11
CA ASP A 105 -8.35 1.42 0.59
C ASP A 105 -9.57 0.50 0.65
N GLY A 106 -9.32 -0.82 0.65
CA GLY A 106 -10.39 -1.77 1.00
C GLY A 106 -9.86 -2.86 1.91
N TRP A 107 -10.73 -3.78 2.30
CA TRP A 107 -10.35 -4.90 3.18
C TRP A 107 -10.17 -6.20 2.39
N TRP A 108 -9.03 -6.84 2.57
CA TRP A 108 -8.73 -8.06 1.81
C TRP A 108 -8.50 -9.22 2.75
N GLU A 109 -9.24 -10.31 2.54
CA GLU A 109 -9.13 -11.47 3.42
C GLU A 109 -7.82 -12.24 3.23
N GLY A 110 -7.16 -12.57 4.33
CA GLY A 110 -5.98 -13.43 4.31
C GLY A 110 -5.82 -14.19 5.61
N THR A 111 -4.69 -14.89 5.75
CA THR A 111 -4.40 -15.71 6.92
C THR A 111 -3.07 -15.33 7.53
N VAL A 112 -3.01 -15.15 8.84
CA VAL A 112 -1.75 -14.79 9.51
C VAL A 112 -0.84 -16.00 9.51
N THR A 113 0.38 -15.85 8.97
CA THR A 113 1.31 -16.97 8.92
C THR A 113 2.48 -16.78 9.87
N GLU A 114 2.69 -15.54 10.29
CA GLU A 114 3.78 -15.27 11.23
C GLU A 114 3.45 -14.05 12.07
N VAL A 115 3.72 -14.10 13.38
CA VAL A 115 3.61 -12.94 14.23
C VAL A 115 5.01 -12.50 14.62
N GLY A 117 7.46 -9.21 16.68
CA GLY A 117 7.33 -8.27 17.78
C GLY A 117 6.70 -6.95 17.36
N ASP A 118 6.38 -6.10 18.35
CA ASP A 118 5.88 -4.74 18.10
C ASP A 118 4.60 -4.85 17.27
N GLY A 119 3.71 -5.74 17.68
CA GLY A 119 2.43 -5.94 17.02
C GLY A 119 2.48 -5.87 15.49
N ARG A 120 3.38 -6.64 14.87
CA ARG A 120 3.41 -6.78 13.39
C ARG A 120 3.24 -8.24 12.92
N SER A 122 2.54 -11.20 9.41
CA SER A 122 2.69 -11.46 7.96
C SER A 122 1.44 -12.22 7.61
N VAL A 123 0.84 -11.81 6.50
CA VAL A 123 -0.46 -12.31 6.10
C VAL A 123 -0.32 -12.87 4.69
N TYR A 124 -0.78 -14.10 4.52
CA TYR A 124 -0.78 -14.76 3.22
C TYR A 124 -2.14 -14.59 2.57
N PHE A 125 -2.13 -14.19 1.30
CA PHE A 125 -3.36 -14.09 0.52
C PHE A 125 -3.37 -15.17 -0.56
N ARG A 126 -4.32 -16.08 -0.44
CA ARG A 126 -4.32 -17.27 -1.28
C ARG A 126 -4.58 -16.95 -2.76
N ALA A 127 -5.61 -16.15 -3.06
CA ALA A 127 -5.98 -15.92 -4.46
C ALA A 127 -4.89 -15.20 -5.26
N SER A 128 -4.21 -14.27 -4.60
CA SER A 128 -3.20 -13.44 -5.28
C SER A 128 -1.79 -13.97 -5.04
N LYS A 129 -1.70 -15.04 -4.24
CA LYS A 129 -0.43 -15.64 -3.86
C LYS A 129 0.53 -14.60 -3.33
N GLU A 130 0.03 -13.74 -2.46
CA GLU A 130 0.84 -12.66 -1.88
C GLU A 130 1.14 -12.90 -0.42
N GLN A 131 2.30 -12.42 0.03
CA GLN A 131 2.67 -12.52 1.42
C GLN A 131 3.09 -11.11 1.85
N ILE A 132 2.32 -10.48 2.72
CA ILE A 132 2.48 -9.05 3.01
C ILE A 132 2.47 -8.77 4.51
N ARG A 133 3.40 -7.93 4.99
CA ARG A 133 3.45 -7.55 6.41
C ARG A 133 2.56 -6.39 6.72
N PHE A 134 1.94 -6.41 7.92
CA PHE A 134 1.03 -5.37 8.37
C PHE A 134 1.22 -5.07 9.84
N ARG A 135 0.81 -3.88 10.25
CA ARG A 135 0.70 -3.60 11.70
C ARG A 135 -0.64 -4.14 12.16
N ARG A 136 -0.76 -4.42 13.45
CA ARG A 136 -2.04 -4.84 14.05
C ARG A 136 -3.17 -3.88 13.69
N ASP A 137 -2.93 -2.57 13.73
CA ASP A 137 -4.02 -1.64 13.47
C ASP A 137 -4.48 -1.60 11.99
N GLU A 138 -3.82 -2.37 11.12
CA GLU A 138 -4.25 -2.53 9.73
C GLU A 138 -5.10 -3.78 9.50
N LEU A 139 -5.35 -4.53 10.57
CA LEU A 139 -6.06 -5.81 10.42
C LEU A 139 -7.38 -5.79 11.20
N ARG A 140 -8.34 -6.58 10.73
CA ARG A 140 -9.52 -6.88 11.55
C ARG A 140 -9.78 -8.39 11.52
N PHE A 141 -10.41 -8.94 12.55
CA PHE A 141 -10.73 -10.36 12.50
C PHE A 141 -11.80 -10.53 11.47
N HIS A 142 -11.65 -11.57 10.64
CA HIS A 142 -12.59 -11.81 9.55
C HIS A 142 -13.91 -12.35 10.09
N ARG A 143 -15.01 -11.88 9.51
CA ARG A 143 -16.34 -12.39 9.85
C ARG A 143 -17.13 -12.65 8.58
N GLU A 144 -18.15 -13.51 8.66
CA GLU A 144 -18.94 -13.79 7.47
C GLU A 144 -20.37 -13.46 7.77
N TRP A 145 -21.07 -12.92 6.78
CA TRP A 145 -22.49 -12.60 6.90
C TRP A 145 -23.25 -13.75 6.26
N VAL A 146 -23.89 -14.57 7.08
CA VAL A 146 -24.46 -15.80 6.61
C VAL A 146 -25.83 -15.97 7.28
N ASN A 147 -26.83 -16.26 6.45
CA ASN A 147 -28.18 -16.46 6.97
C ASN A 147 -28.67 -15.28 7.80
N GLY A 148 -28.37 -14.07 7.36
CA GLY A 148 -28.83 -12.89 8.05
C GLY A 148 -28.18 -12.64 9.39
N ALA A 149 -27.01 -13.24 9.63
CA ALA A 149 -26.32 -13.02 10.91
C ALA A 149 -24.83 -13.21 10.75
N TRP A 150 -24.03 -12.73 11.69
CA TRP A 150 -22.57 -12.81 11.55
C TRP A 150 -22.01 -14.11 12.13
N ARG A 151 -20.95 -14.61 11.51
CA ARG A 151 -20.18 -15.75 12.03
C ARG A 151 -18.72 -15.35 12.15
N PRO A 152 -18.19 -15.36 13.39
CA PRO A 152 -18.89 -15.66 14.65
C PRO A 152 -19.89 -14.55 15.01
N PRO A 153 -20.94 -14.88 15.80
CA PRO A 153 -22.00 -13.90 16.04
C PRO A 153 -21.63 -12.72 16.95
N ILE A 154 -22.53 -11.75 16.99
CA ILE A 154 -22.39 -10.57 17.83
C ILE A 154 -22.83 -10.87 19.26
N ALA B 1 -6.54 9.93 -6.60
CA ALA B 1 -7.50 9.12 -5.84
C ALA B 1 -7.59 7.68 -6.35
N ARG B 2 -7.92 6.76 -5.47
CA ARG B 2 -7.99 5.35 -5.83
C ARG B 2 -9.17 5.07 -6.80
N THR B 3 -8.91 4.22 -7.81
CA THR B 3 -9.92 3.79 -8.77
C THR B 3 -9.89 2.28 -8.85
N LYS B 4 -10.87 1.65 -9.50
CA LYS B 4 -10.78 0.21 -9.68
C LYS B 4 -9.48 -0.20 -10.35
N GLN B 5 -9.01 0.62 -11.27
CA GLN B 5 -7.77 0.34 -11.98
C GLN B 5 -6.56 0.30 -11.04
N THR B 6 -6.55 1.13 -10.00
CA THR B 6 -5.40 1.13 -9.09
C THR B 6 -5.67 0.40 -7.79
N ALA B 7 -6.83 -0.24 -7.70
CA ALA B 7 -7.12 -1.10 -6.55
C ALA B 7 -7.02 -2.57 -6.89
N ARG B 8 -7.41 -2.92 -8.13
CA ARG B 8 -7.53 -4.34 -8.49
C ARG B 8 -6.16 -5.02 -8.52
N SER B 10 -5.53 -7.84 -10.48
CA SER B 10 -5.34 -8.45 -11.80
C SER B 10 -6.42 -7.89 -12.74
N ARG C 7 37.37 19.17 6.26
CA ARG C 7 38.03 17.93 6.66
C ARG C 7 37.66 16.74 5.77
N ILE C 8 36.37 16.58 5.47
CA ILE C 8 35.98 15.48 4.61
C ILE C 8 35.70 16.03 3.22
N ARG C 9 36.07 15.25 2.21
CA ARG C 9 35.83 15.59 0.82
C ARG C 9 34.47 15.04 0.41
N LEU C 10 33.47 15.90 0.40
CA LEU C 10 32.12 15.49 0.04
C LEU C 10 31.99 15.12 -1.42
N PRO C 11 31.13 14.14 -1.74
CA PRO C 11 30.74 13.93 -3.12
C PRO C 11 30.18 15.24 -3.68
N PRO C 12 30.54 15.61 -4.91
CA PRO C 12 30.11 16.87 -5.51
C PRO C 12 28.58 17.09 -5.54
N PHE C 13 27.79 16.05 -5.68
CA PHE C 13 26.33 16.24 -5.74
C PHE C 13 25.73 16.69 -4.40
N LEU C 14 26.46 16.49 -3.31
CA LEU C 14 25.90 16.78 -1.99
C LEU C 14 26.10 18.26 -1.64
N LYS C 15 25.03 19.05 -1.75
CA LYS C 15 25.08 20.45 -1.38
C LYS C 15 23.69 20.87 -0.92
N PRO C 16 23.59 21.94 -0.10
CA PRO C 16 22.28 22.38 0.38
C PRO C 16 21.30 22.57 -0.76
N GLY C 17 20.09 22.05 -0.62
CA GLY C 17 19.09 22.15 -1.66
C GLY C 17 19.03 20.95 -2.60
N ALA C 18 20.11 20.18 -2.69
CA ALA C 18 20.18 19.07 -3.64
C ALA C 18 19.16 17.96 -3.40
N ALA C 19 18.52 17.51 -4.47
CA ALA C 19 17.64 16.35 -4.40
C ALA C 19 18.48 15.12 -4.16
N VAL C 20 18.03 14.24 -3.28
CA VAL C 20 18.77 13.01 -2.97
C VAL C 20 17.81 11.87 -2.74
N GLU C 21 18.33 10.64 -2.78
CA GLU C 21 17.66 9.46 -2.24
C GLU C 21 18.34 9.05 -0.94
N ILE C 22 17.54 8.56 -0.01
CA ILE C 22 17.98 8.38 1.37
C ILE C 22 17.75 6.94 1.75
N SER C 23 18.83 6.30 2.22
CA SER C 23 18.71 4.96 2.72
C SER C 23 18.89 4.99 4.22
N SER C 24 18.50 3.93 4.88
CA SER C 24 18.42 3.95 6.34
C SER C 24 19.21 2.79 6.85
N ASN C 25 19.73 2.91 8.06
CA ASN C 25 20.39 1.82 8.76
C ASN C 25 19.39 0.95 9.51
N GLU C 26 18.21 1.50 9.76
CA GLU C 26 17.19 0.79 10.53
C GLU C 26 16.70 -0.48 9.83
N SER C 27 16.53 -1.56 10.59
CA SER C 27 16.17 -2.85 9.98
C SER C 27 14.83 -2.78 9.26
N GLY C 28 13.92 -1.99 9.81
CA GLY C 28 12.60 -1.83 9.19
C GLY C 28 12.65 -1.06 7.87
N PHE C 29 13.82 -0.52 7.50
CA PHE C 29 13.97 0.18 6.21
C PHE C 29 14.99 -0.45 5.23
N ARG C 30 15.38 -1.69 5.52
CA ARG C 30 16.27 -2.43 4.66
C ARG C 30 15.75 -2.51 3.23
N GLY C 31 16.59 -2.09 2.30
CA GLY C 31 16.22 -2.16 0.91
C GLY C 31 15.45 -0.96 0.40
N SER C 32 15.32 0.09 1.20
CA SER C 32 14.52 1.24 0.75
C SER C 32 15.33 2.45 0.44
N TRP C 33 14.79 3.25 -0.48
CA TRP C 33 15.24 4.59 -0.82
C TRP C 33 14.06 5.53 -0.73
N TYR C 34 14.13 6.53 0.12
CA TYR C 34 13.14 7.58 0.23
C TYR C 34 13.64 8.90 -0.36
N GLY C 36 14.28 12.80 -0.96
CA GLY C 36 14.38 13.97 -0.10
C GLY C 36 15.29 15.05 -0.64
N LYS C 37 15.65 15.98 0.23
CA LYS C 37 16.57 17.02 -0.20
C LYS C 37 17.54 17.35 0.92
N VAL C 38 18.70 17.90 0.56
CA VAL C 38 19.70 18.25 1.53
C VAL C 38 19.40 19.60 2.16
N VAL C 39 19.40 19.65 3.48
CA VAL C 39 19.22 20.91 4.19
C VAL C 39 20.54 21.49 4.66
N ALA C 40 21.44 20.63 5.13
CA ALA C 40 22.75 21.12 5.55
C ALA C 40 23.87 20.11 5.35
N VAL C 41 25.07 20.62 5.08
CA VAL C 41 26.24 19.77 4.94
C VAL C 41 27.34 20.29 5.85
N PRO C 42 28.31 19.42 6.21
CA PRO C 42 29.43 19.86 7.03
C PRO C 42 30.06 21.14 6.47
N SER C 43 30.15 22.18 7.30
CA SER C 43 30.84 23.40 6.91
C SER C 43 32.32 23.24 7.23
N SER C 44 33.11 24.27 6.95
CA SER C 44 34.55 24.16 7.10
C SER C 44 34.96 23.79 8.53
N ASP C 45 34.25 24.31 9.55
CA ASP C 45 34.54 23.88 10.93
C ASP C 45 33.31 23.35 11.67
N SER C 46 32.52 22.55 10.97
CA SER C 46 31.43 21.78 11.55
C SER C 46 31.88 20.87 12.71
N THR C 47 30.93 20.56 13.59
CA THR C 47 31.16 19.59 14.67
C THR C 47 31.20 18.17 14.10
N THR C 48 30.52 18.00 12.97
CA THR C 48 30.14 16.68 12.51
C THR C 48 30.64 16.38 11.10
N THR C 49 30.46 15.13 10.69
CA THR C 49 30.71 14.71 9.32
C THR C 49 29.37 14.42 8.64
N LYS C 50 28.29 14.68 9.36
CA LYS C 50 26.98 14.28 8.88
C LYS C 50 26.24 15.39 8.13
N CYS C 51 25.19 15.01 7.41
CA CYS C 51 24.37 15.94 6.65
C CYS C 51 22.98 15.94 7.22
N GLU C 52 22.24 17.03 7.09
CA GLU C 52 20.85 17.03 7.50
C GLU C 52 20.02 16.98 6.24
N VAL C 53 19.00 16.13 6.22
CA VAL C 53 18.11 16.03 5.07
C VAL C 53 16.69 16.14 5.52
N GLU C 54 15.83 16.57 4.58
CA GLU C 54 14.39 16.62 4.76
C GLU C 54 13.73 15.66 3.80
N TYR C 55 12.87 14.79 4.30
CA TYR C 55 12.19 13.84 3.42
C TYR C 55 11.09 14.53 2.64
N THR C 56 10.76 13.98 1.48
CA THR C 56 9.71 14.55 0.65
C THR C 56 8.37 13.94 1.02
N THR C 57 8.38 12.67 1.41
CA THR C 57 7.10 11.97 1.62
C THR C 57 6.92 11.42 3.05
N LEU C 58 7.93 11.57 3.90
CA LEU C 58 7.76 11.22 5.32
C LEU C 58 7.65 12.47 6.19
N PHE C 59 6.79 12.40 7.20
CA PHE C 59 6.48 13.55 8.05
C PHE C 59 6.70 13.19 9.52
N PHE C 60 6.92 14.20 10.36
CA PHE C 60 7.00 13.95 11.81
C PHE C 60 5.68 13.41 12.34
N ASP C 61 4.57 13.98 11.85
CA ASP C 61 3.24 13.67 12.34
C ASP C 61 2.32 13.14 11.26
N LYS C 62 1.27 12.42 11.67
CA LYS C 62 0.32 11.86 10.72
C LYS C 62 -0.52 12.93 10.01
N GLU C 63 -0.62 14.11 10.62
CA GLU C 63 -1.39 15.21 10.05
C GLU C 63 -0.64 15.84 8.88
N GLY C 64 0.65 15.55 8.78
CA GLY C 64 1.47 15.94 7.65
C GLY C 64 1.79 17.42 7.57
N ARG C 65 1.89 18.06 8.73
CA ARG C 65 2.17 19.49 8.78
C ARG C 65 3.68 19.75 8.66
N LYS C 66 4.50 18.77 9.06
CA LYS C 66 5.96 19.00 9.05
C LYS C 66 6.73 17.82 8.48
N ARG C 67 7.45 18.06 7.38
CA ARG C 67 8.25 17.02 6.76
C ARG C 67 9.35 16.58 7.71
N LEU C 68 9.65 15.29 7.70
CA LEU C 68 10.62 14.71 8.60
C LEU C 68 12.01 15.21 8.23
N ARG C 69 12.80 15.61 9.21
CA ARG C 69 14.21 15.93 8.99
C ARG C 69 15.06 15.02 9.85
N GLU C 70 16.22 14.65 9.36
CA GLU C 70 17.14 13.78 10.10
C GLU C 70 18.56 14.12 9.76
N VAL C 71 19.47 13.92 10.72
CA VAL C 71 20.92 13.94 10.49
C VAL C 71 21.34 12.54 10.06
N VAL C 72 22.08 12.42 8.95
CA VAL C 72 22.42 11.12 8.40
C VAL C 72 23.90 11.10 7.98
N ASP C 73 24.46 9.90 7.83
CA ASP C 73 25.81 9.73 7.32
C ASP C 73 25.81 10.01 5.84
N VAL C 74 26.91 10.58 5.34
CA VAL C 74 27.04 10.79 3.91
C VAL C 74 26.74 9.51 3.14
N GLY C 75 27.17 8.37 3.67
CA GLY C 75 27.03 7.14 2.92
C GLY C 75 25.59 6.65 2.84
N GLN C 76 24.68 7.31 3.56
CA GLN C 76 23.24 6.98 3.41
C GLN C 76 22.60 7.66 2.21
N LEU C 77 23.35 8.49 1.51
CA LEU C 77 22.75 9.36 0.48
C LEU C 77 23.24 9.00 -0.92
N ARG C 78 22.36 9.15 -1.92
CA ARG C 78 22.81 9.08 -3.32
C ARG C 78 22.01 10.07 -4.18
N PRO C 79 22.42 10.33 -5.44
CA PRO C 79 21.63 11.29 -6.22
C PRO C 79 20.30 10.67 -6.63
N PRO C 80 19.35 11.48 -7.12
CA PRO C 80 18.11 10.88 -7.64
C PRO C 80 18.46 9.91 -8.77
N ALA C 81 17.75 8.78 -8.83
CA ALA C 81 18.00 7.76 -9.82
C ALA C 81 17.90 8.39 -11.21
N PRO C 82 18.66 7.89 -12.18
CA PRO C 82 18.66 8.49 -13.52
C PRO C 82 17.28 8.48 -14.14
N ALA C 83 16.95 9.53 -14.89
CA ALA C 83 15.68 9.60 -15.61
C ALA C 83 15.53 8.43 -16.58
N VAL C 84 14.36 7.80 -16.55
CA VAL C 84 14.04 6.70 -17.45
C VAL C 84 14.21 7.10 -18.91
N SER C 85 15.17 6.48 -19.59
CA SER C 85 15.45 6.75 -21.00
C SER C 85 14.36 6.17 -21.92
N GLU C 86 14.52 6.39 -23.21
CA GLU C 86 13.48 6.01 -24.17
C GLU C 86 13.39 4.49 -24.38
N ARG C 87 14.54 3.82 -24.44
CA ARG C 87 14.57 2.36 -24.48
C ARG C 87 13.94 1.80 -23.21
N GLU C 88 14.21 2.45 -22.08
CA GLU C 88 13.77 1.91 -20.80
C GLU C 88 12.25 1.81 -20.63
N LYS C 89 11.47 2.45 -21.50
CA LYS C 89 10.04 2.13 -21.51
C LYS C 89 9.71 1.11 -22.59
N ARG C 90 10.50 1.08 -23.66
CA ARG C 90 10.40 0.00 -24.63
C ARG C 90 10.70 -1.32 -23.94
N ARG C 91 11.50 -1.25 -22.87
CA ARG C 91 11.98 -2.45 -22.17
C ARG C 91 10.92 -3.12 -21.29
N GLU C 92 10.60 -4.36 -21.65
CA GLU C 92 9.71 -5.21 -20.87
C GLU C 92 10.33 -5.61 -19.54
N VAL C 93 9.57 -5.52 -18.47
CA VAL C 93 10.05 -6.11 -17.23
C VAL C 93 9.96 -7.63 -17.36
N ALA C 94 10.97 -8.33 -16.86
CA ALA C 94 11.02 -9.77 -17.02
C ALA C 94 11.29 -10.41 -15.68
N VAL C 95 10.96 -11.71 -15.54
CA VAL C 95 11.27 -12.41 -14.29
C VAL C 95 12.78 -12.41 -14.10
N GLY C 96 13.25 -12.32 -12.86
CA GLY C 96 14.69 -12.19 -12.67
C GLY C 96 15.17 -10.76 -12.56
N ASP C 97 14.36 -9.81 -13.06
CA ASP C 97 14.81 -8.41 -13.05
C ASP C 97 14.90 -7.86 -11.62
N ASP C 98 15.93 -7.06 -11.37
CA ASP C 98 16.05 -6.33 -10.10
C ASP C 98 15.32 -5.02 -10.27
N VAL C 99 14.30 -4.79 -9.43
CA VAL C 99 13.47 -3.60 -9.55
C VAL C 99 13.33 -2.92 -8.16
N ASP C 100 12.96 -1.64 -8.14
CA ASP C 100 12.39 -1.08 -6.91
C ASP C 100 10.89 -0.91 -7.17
N ALA C 101 10.09 -1.15 -6.13
CA ALA C 101 8.65 -0.93 -6.16
C ALA C 101 8.29 0.25 -5.27
N PHE C 102 7.39 1.08 -5.75
CA PHE C 102 6.95 2.21 -4.97
C PHE C 102 5.90 1.75 -3.99
N TYR C 103 6.18 1.86 -2.70
CA TYR C 103 5.32 1.23 -1.68
C TYR C 103 5.52 2.03 -0.42
N SER C 104 4.44 2.32 0.31
CA SER C 104 4.52 3.21 1.49
C SER C 104 5.35 4.49 1.20
N ASP C 105 5.18 5.00 -0.03
CA ASP C 105 5.67 6.30 -0.48
C ASP C 105 7.20 6.35 -0.54
N GLY C 106 7.82 5.18 -0.61
CA GLY C 106 9.25 5.14 -0.98
C GLY C 106 9.51 4.01 -1.95
N TRP C 107 10.77 3.80 -2.32
CA TRP C 107 11.14 2.77 -3.27
C TRP C 107 11.83 1.62 -2.57
N TRP C 108 11.35 0.41 -2.82
CA TRP C 108 11.88 -0.77 -2.10
C TRP C 108 12.41 -1.78 -3.08
N GLU C 109 13.66 -2.21 -2.89
CA GLU C 109 14.32 -3.11 -3.85
C GLU C 109 13.78 -4.52 -3.72
N GLY C 110 13.46 -5.16 -4.84
CA GLY C 110 13.02 -6.53 -4.88
C GLY C 110 13.35 -7.18 -6.21
N THR C 111 12.94 -8.44 -6.37
CA THR C 111 13.19 -9.21 -7.60
C THR C 111 11.88 -9.72 -8.21
N VAL C 112 11.70 -9.55 -9.51
CA VAL C 112 10.47 -10.01 -10.15
C VAL C 112 10.53 -11.54 -10.23
N THR C 113 9.49 -12.21 -9.75
CA THR C 113 9.52 -13.67 -9.79
C THR C 113 8.45 -14.22 -10.72
N GLU C 114 7.52 -13.36 -11.15
CA GLU C 114 6.47 -13.83 -12.05
C GLU C 114 5.93 -12.63 -12.81
N VAL C 115 5.65 -12.82 -14.09
CA VAL C 115 5.03 -11.81 -14.88
C VAL C 115 3.68 -12.32 -15.30
N GLY C 117 -0.15 -11.08 -17.32
CA GLY C 117 -0.57 -10.17 -18.37
C GLY C 117 -1.18 -8.91 -17.79
N ASP C 118 -1.39 -7.91 -18.62
CA ASP C 118 -1.94 -6.63 -18.19
C ASP C 118 -0.85 -5.80 -17.60
N GLY C 119 0.37 -6.09 -17.98
CA GLY C 119 1.48 -5.38 -17.39
C GLY C 119 1.46 -5.43 -15.87
N ARG C 120 1.38 -6.63 -15.31
CA ARG C 120 1.45 -6.83 -13.84
C ARG C 120 2.52 -7.86 -13.45
N SER C 122 4.77 -9.94 -10.05
CA SER C 122 4.89 -10.25 -8.60
C SER C 122 6.36 -10.11 -8.20
N VAL C 123 6.61 -9.44 -7.07
CA VAL C 123 7.96 -9.02 -6.69
C VAL C 123 8.22 -9.60 -5.31
N TYR C 124 9.38 -10.24 -5.20
CA TYR C 124 9.81 -10.83 -3.95
C TYR C 124 10.81 -9.93 -3.26
N PHE C 125 10.56 -9.69 -1.98
CA PHE C 125 11.43 -8.87 -1.17
C PHE C 125 12.11 -9.75 -0.10
N ARG C 126 13.43 -9.89 -0.22
CA ARG C 126 14.15 -10.90 0.54
C ARG C 126 14.21 -10.58 2.03
N ALA C 127 14.50 -9.33 2.37
CA ALA C 127 14.73 -8.98 3.77
C ALA C 127 13.43 -9.09 4.60
N SER C 128 12.31 -8.77 3.98
CA SER C 128 11.01 -8.83 4.67
C SER C 128 10.23 -10.12 4.38
N LYS C 129 10.83 -10.98 3.56
CA LYS C 129 10.18 -12.23 3.12
C LYS C 129 8.75 -11.93 2.65
N GLU C 130 8.61 -10.87 1.86
CA GLU C 130 7.30 -10.54 1.23
C GLU C 130 7.22 -10.84 -0.27
N GLN C 131 5.99 -11.07 -0.75
CA GLN C 131 5.73 -11.36 -2.15
C GLN C 131 4.52 -10.51 -2.50
N ILE C 132 4.70 -9.50 -3.35
CA ILE C 132 3.70 -8.46 -3.55
C ILE C 132 3.48 -8.13 -5.01
N ARG C 133 2.22 -8.01 -5.42
CA ARG C 133 1.92 -7.74 -6.85
C ARG C 133 1.90 -6.25 -7.12
N PHE C 134 2.41 -5.87 -8.28
CA PHE C 134 2.48 -4.47 -8.69
C PHE C 134 2.11 -4.29 -10.15
N ARG C 135 1.65 -3.09 -10.51
CA ARG C 135 1.57 -2.69 -11.91
C ARG C 135 2.93 -2.26 -12.39
N ARG C 136 3.16 -2.35 -13.70
CA ARG C 136 4.41 -1.84 -14.28
C ARG C 136 4.74 -0.43 -13.83
N ASP C 137 3.75 0.47 -13.84
CA ASP C 137 4.05 1.87 -13.51
C ASP C 137 4.35 2.10 -12.03
N GLU C 138 4.34 1.04 -11.22
CA GLU C 138 4.81 1.14 -9.83
C GLU C 138 6.25 0.68 -9.67
N LEU C 139 6.91 0.31 -10.77
CA LEU C 139 8.27 -0.21 -10.67
C LEU C 139 9.27 0.61 -11.45
N ARG C 140 10.54 0.53 -11.03
CA ARG C 140 11.62 1.10 -11.83
C ARG C 140 12.74 0.10 -11.82
N PHE C 141 13.61 0.11 -12.83
CA PHE C 141 14.72 -0.82 -12.82
C PHE C 141 15.68 -0.34 -11.76
N HIS C 142 16.20 -1.28 -10.98
CA HIS C 142 17.12 -0.95 -9.91
C HIS C 142 18.46 -0.49 -10.44
N ARG C 143 19.04 0.52 -9.82
CA ARG C 143 20.43 0.95 -10.14
C ARG C 143 21.18 1.14 -8.85
N GLU C 144 22.51 1.14 -8.93
CA GLU C 144 23.34 1.35 -7.77
C GLU C 144 24.27 2.51 -8.05
N TRP C 145 24.51 3.33 -7.03
CA TRP C 145 25.41 4.45 -7.13
C TRP C 145 26.75 4.04 -6.52
N VAL C 146 27.76 3.79 -7.35
CA VAL C 146 28.98 3.18 -6.89
C VAL C 146 30.14 3.90 -7.55
N ASN C 147 31.11 4.28 -6.74
CA ASN C 147 32.30 4.96 -7.27
C ASN C 147 31.92 6.19 -8.07
N GLY C 148 30.95 6.95 -7.55
CA GLY C 148 30.57 8.19 -8.18
C GLY C 148 29.89 8.06 -9.51
N ALA C 149 29.40 6.86 -9.86
CA ALA C 149 28.59 6.72 -11.08
C ALA C 149 27.51 5.67 -10.92
N TRP C 150 26.59 5.57 -11.86
CA TRP C 150 25.50 4.58 -11.77
C TRP C 150 25.88 3.26 -12.43
N ARG C 151 25.39 2.17 -11.85
CA ARG C 151 25.47 0.84 -12.44
C ARG C 151 24.06 0.28 -12.56
N PRO C 152 23.60 -0.01 -13.79
CA PRO C 152 24.32 0.19 -15.07
C PRO C 152 24.45 1.68 -15.44
N PRO C 153 25.49 2.04 -16.22
CA PRO C 153 25.80 3.44 -16.55
C PRO C 153 24.66 4.22 -17.22
N ILE C 154 24.74 5.54 -17.16
CA ILE C 154 23.79 6.40 -17.86
C ILE C 154 24.24 6.60 -19.29
N ALA D 1 -0.95 11.41 6.36
CA ALA D 1 0.44 11.48 5.89
C ALA D 1 1.29 10.37 6.47
N ARG D 2 2.23 9.89 5.66
CA ARG D 2 3.12 8.81 6.02
C ARG D 2 4.23 9.28 6.99
N THR D 3 4.54 8.44 7.96
CA THR D 3 5.56 8.74 8.96
C THR D 3 6.50 7.54 8.99
N LYS D 4 7.66 7.67 9.65
CA LYS D 4 8.51 6.48 9.77
C LYS D 4 7.76 5.33 10.41
N GLN D 5 6.96 5.62 11.42
CA GLN D 5 6.13 4.59 12.03
C GLN D 5 5.21 3.84 11.04
N THR D 6 4.63 4.53 10.07
CA THR D 6 3.74 3.84 9.14
C THR D 6 4.39 3.48 7.80
N ALA D 7 5.69 3.73 7.68
CA ALA D 7 6.45 3.28 6.50
C ALA D 7 7.34 2.08 6.81
N ARG D 8 7.83 1.96 8.05
CA ARG D 8 8.76 0.89 8.36
C ARG D 8 8.12 -0.48 8.34
N SER D 10 9.43 -3.16 10.20
CA SER D 10 9.76 -3.82 11.47
C SER D 10 10.33 -2.76 12.39
#